data_2NOG
#
_entry.id   2NOG
#
_cell.length_a   34.600
_cell.length_b   109.500
_cell.length_c   46.070
_cell.angle_alpha   90.00
_cell.angle_beta   94.60
_cell.angle_gamma   90.00
#
_symmetry.space_group_name_H-M   'P 1 21 1'
#
loop_
_entity.id
_entity.type
_entity.pdbx_description
1 polymer 'ISWI protein'
2 non-polymer 'MAGNESIUM ION'
3 water water
#
_entity_poly.entity_id   1
_entity_poly.type   'polypeptide(L)'
_entity_poly.pdbx_seq_one_letter_code
;MVSEPKVPKAPRPPKQPNVQDFQFFPPRLFELLEKEILYYRKTIGYKVPRNPDLPNSAQVQKEEQLKIDEAEPLNDEELE
EKEKLLTQGFTNWNKRDFNQFIKANEKWGRDDIENIAREVEGKTPEEVIEYSAVFWERCNELQDIEKTMAQIERGEARIQ
RRISILEHHHHHH
;
_entity_poly.pdbx_strand_id   A,B
#
# COMPACT_ATOMS: atom_id res chain seq x y z
N GLU A 4 18.76 2.39 -11.32
CA GLU A 4 17.33 2.76 -11.48
C GLU A 4 16.86 2.65 -12.91
N PRO A 5 15.57 2.88 -13.18
CA PRO A 5 15.09 2.77 -14.57
C PRO A 5 15.67 3.86 -15.47
N LYS A 6 15.74 3.58 -16.76
CA LYS A 6 16.25 4.57 -17.70
C LYS A 6 15.35 5.79 -17.62
N VAL A 7 14.06 5.51 -17.53
CA VAL A 7 13.05 6.56 -17.42
C VAL A 7 12.34 6.35 -16.08
N PRO A 8 12.37 7.36 -15.20
CA PRO A 8 11.71 7.22 -13.90
C PRO A 8 10.21 6.94 -14.05
N LYS A 9 9.65 6.11 -13.18
CA LYS A 9 8.21 5.87 -13.27
C LYS A 9 7.52 7.20 -13.02
N ALA A 10 6.51 7.50 -13.82
CA ALA A 10 5.76 8.74 -13.67
C ALA A 10 5.05 8.75 -12.32
N PRO A 11 4.94 9.94 -11.70
CA PRO A 11 4.30 10.13 -10.39
C PRO A 11 2.80 9.83 -10.28
N ARG A 12 2.39 9.35 -9.11
CA ARG A 12 0.98 9.05 -8.86
C ARG A 12 0.57 9.79 -7.58
N PRO A 13 -0.74 10.09 -7.40
CA PRO A 13 -1.20 10.80 -6.21
C PRO A 13 -0.92 9.96 -4.97
N PRO A 14 -0.18 10.51 -3.99
CA PRO A 14 0.10 9.71 -2.79
C PRO A 14 -1.19 9.23 -2.10
N LYS A 15 -2.26 9.99 -2.23
CA LYS A 15 -3.52 9.64 -1.57
C LYS A 15 -4.49 8.80 -2.41
N GLN A 16 -3.98 8.02 -3.37
CA GLN A 16 -4.89 7.23 -4.18
C GLN A 16 -5.21 5.88 -3.54
N PRO A 17 -6.46 5.40 -3.69
CA PRO A 17 -6.84 4.12 -3.09
C PRO A 17 -5.82 3.04 -3.45
N ASN A 18 -5.50 2.15 -2.52
CA ASN A 18 -4.54 1.11 -2.85
C ASN A 18 -5.28 -0.18 -3.23
N VAL A 19 -5.77 -0.22 -4.47
CA VAL A 19 -6.49 -1.38 -4.97
C VAL A 19 -5.48 -2.35 -5.58
N GLN A 20 -5.67 -3.63 -5.29
CA GLN A 20 -4.79 -4.67 -5.77
C GLN A 20 -5.47 -5.50 -6.84
N ASP A 21 -4.68 -6.03 -7.75
CA ASP A 21 -5.20 -6.83 -8.84
C ASP A 21 -5.95 -8.05 -8.36
N PHE A 22 -5.50 -8.67 -7.28
CA PHE A 22 -6.18 -9.85 -6.78
C PHE A 22 -7.51 -9.54 -6.12
N GLN A 23 -7.86 -8.26 -6.03
CA GLN A 23 -9.14 -7.87 -5.44
C GLN A 23 -10.24 -7.75 -6.51
N PHE A 24 -9.83 -7.94 -7.76
CA PHE A 24 -10.72 -7.95 -8.91
C PHE A 24 -11.74 -6.82 -9.01
N PHE A 25 -11.26 -5.60 -8.93
CA PHE A 25 -12.16 -4.46 -9.07
C PHE A 25 -12.53 -4.35 -10.55
N PRO A 26 -13.67 -3.71 -10.86
CA PRO A 26 -14.06 -3.57 -12.25
C PRO A 26 -13.02 -2.71 -12.98
N PRO A 27 -12.68 -3.08 -14.23
CA PRO A 27 -11.69 -2.35 -15.03
C PRO A 27 -12.03 -0.87 -15.18
N ARG A 28 -13.32 -0.54 -15.21
CA ARG A 28 -13.73 0.87 -15.34
C ARG A 28 -13.11 1.72 -14.21
N LEU A 29 -12.97 1.14 -13.02
CA LEU A 29 -12.39 1.87 -11.91
C LEU A 29 -10.99 2.39 -12.25
N PHE A 30 -10.16 1.55 -12.88
CA PHE A 30 -8.80 1.95 -13.22
C PHE A 30 -8.77 3.01 -14.30
N GLU A 31 -9.81 3.04 -15.12
CA GLU A 31 -9.88 4.05 -16.15
C GLU A 31 -10.13 5.40 -15.45
N LEU A 32 -10.91 5.38 -14.38
CA LEU A 32 -11.21 6.60 -13.63
C LEU A 32 -9.99 7.04 -12.79
N LEU A 33 -9.31 6.07 -12.19
CA LEU A 33 -8.11 6.36 -11.40
C LEU A 33 -7.02 6.95 -12.30
N GLU A 34 -6.99 6.54 -13.57
CA GLU A 34 -6.01 7.07 -14.52
C GLU A 34 -6.26 8.54 -14.82
N LYS A 35 -7.53 8.92 -14.88
CA LYS A 35 -7.88 10.32 -15.11
C LYS A 35 -7.34 11.14 -13.94
N GLU A 36 -7.48 10.58 -12.74
CA GLU A 36 -6.99 11.27 -11.55
C GLU A 36 -5.47 11.34 -11.53
N ILE A 37 -4.80 10.27 -11.97
CA ILE A 37 -3.36 10.28 -12.02
C ILE A 37 -2.90 11.39 -13.00
N LEU A 38 -3.51 11.45 -14.18
CA LEU A 38 -3.16 12.48 -15.16
C LEU A 38 -3.39 13.88 -14.60
N TYR A 39 -4.50 14.09 -13.92
CA TYR A 39 -4.78 15.41 -13.36
C TYR A 39 -3.75 15.72 -12.29
N TYR A 40 -3.38 14.73 -11.48
CA TYR A 40 -2.35 14.93 -10.44
C TYR A 40 -1.05 15.40 -11.11
N ARG A 41 -0.63 14.70 -12.16
CA ARG A 41 0.59 15.06 -12.86
C ARG A 41 0.50 16.50 -13.42
N LYS A 42 -0.66 16.87 -13.94
CA LYS A 42 -0.86 18.23 -14.44
C LYS A 42 -0.67 19.19 -13.28
N THR A 43 -1.34 18.85 -12.19
CA THR A 43 -1.32 19.61 -10.96
C THR A 43 0.10 19.85 -10.37
N ILE A 44 1.02 18.91 -10.53
CA ILE A 44 2.34 19.14 -9.97
C ILE A 44 3.36 19.61 -11.00
N GLY A 45 2.92 19.83 -12.24
CA GLY A 45 3.81 20.32 -13.28
C GLY A 45 4.77 19.29 -13.85
N TYR A 46 4.38 18.02 -13.75
CA TYR A 46 5.21 16.93 -14.25
C TYR A 46 5.36 16.95 -15.77
N LYS A 47 6.59 16.77 -16.25
CA LYS A 47 6.88 16.77 -17.68
C LYS A 47 7.37 15.39 -18.14
N VAL A 48 6.72 14.86 -19.16
CA VAL A 48 7.10 13.55 -19.69
C VAL A 48 8.46 13.65 -20.37
N PRO A 49 9.43 12.86 -19.91
CA PRO A 49 10.76 12.89 -20.50
C PRO A 49 10.78 12.21 -21.87
N ARG A 50 11.69 12.64 -22.72
CA ARG A 50 11.82 12.05 -24.05
C ARG A 50 12.68 10.80 -24.00
N ASN A 51 12.09 9.66 -24.33
CA ASN A 51 12.82 8.40 -24.34
C ASN A 51 13.55 8.28 -25.69
N PRO A 52 14.78 8.75 -25.74
CA PRO A 52 15.58 8.71 -26.96
C PRO A 52 15.67 7.33 -27.62
N ASP A 53 15.15 6.31 -26.95
CA ASP A 53 15.19 4.97 -27.51
C ASP A 53 13.85 4.33 -27.82
N LEU A 54 13.09 4.94 -28.73
CA LEU A 54 11.78 4.42 -29.12
C LEU A 54 11.52 4.64 -30.61
N PRO A 55 12.33 5.49 -31.23
CA PRO A 55 12.13 5.79 -32.64
C PRO A 55 10.89 6.64 -32.74
N ASN A 56 11.06 7.92 -33.04
CA ASN A 56 9.91 8.80 -33.10
C ASN A 56 9.45 8.96 -31.66
N SER A 57 10.44 9.13 -30.78
CA SER A 57 10.19 9.31 -29.37
C SER A 57 9.62 10.72 -29.17
N ALA A 58 9.88 11.61 -30.12
CA ALA A 58 9.39 12.98 -30.04
C ALA A 58 7.86 12.98 -30.07
N GLN A 59 7.28 12.16 -30.94
CA GLN A 59 5.84 12.05 -31.05
C GLN A 59 5.21 11.46 -29.79
N VAL A 60 5.82 10.40 -29.28
CA VAL A 60 5.30 9.75 -28.08
C VAL A 60 5.32 10.72 -26.89
N GLN A 61 6.41 11.47 -26.77
CA GLN A 61 6.54 12.44 -25.70
C GLN A 61 5.41 13.47 -25.79
N LYS A 62 5.23 14.04 -26.98
CA LYS A 62 4.19 15.07 -27.18
C LYS A 62 2.78 14.53 -26.93
N GLU A 63 2.53 13.29 -27.35
CA GLU A 63 1.24 12.63 -27.19
C GLU A 63 0.92 12.51 -25.69
N GLU A 64 1.88 11.99 -24.94
CA GLU A 64 1.77 11.83 -23.48
C GLU A 64 1.59 13.15 -22.76
N GLN A 65 2.38 14.15 -23.14
CA GLN A 65 2.28 15.45 -22.48
C GLN A 65 0.91 16.09 -22.73
N LEU A 66 0.31 15.83 -23.89
CA LEU A 66 -1.00 16.38 -24.21
C LEU A 66 -2.05 15.76 -23.28
N LYS A 67 -1.93 14.47 -23.02
CA LYS A 67 -2.86 13.78 -22.13
C LYS A 67 -2.84 14.46 -20.78
N ILE A 68 -1.65 14.90 -20.38
CA ILE A 68 -1.49 15.61 -19.10
C ILE A 68 -2.04 17.04 -19.19
N ASP A 69 -1.64 17.77 -20.23
CA ASP A 69 -2.09 19.14 -20.41
C ASP A 69 -3.62 19.29 -20.51
N GLU A 70 -4.29 18.29 -21.07
CA GLU A 70 -5.75 18.32 -21.21
C GLU A 70 -6.46 17.62 -20.05
N ALA A 71 -5.71 17.23 -19.03
CA ALA A 71 -6.28 16.52 -17.89
C ALA A 71 -7.25 17.39 -17.10
N GLU A 72 -8.31 16.77 -16.61
CA GLU A 72 -9.32 17.46 -15.82
C GLU A 72 -9.75 16.59 -14.64
N PRO A 73 -10.15 17.20 -13.53
CA PRO A 73 -10.58 16.44 -12.35
C PRO A 73 -11.83 15.65 -12.72
N LEU A 74 -12.22 14.71 -11.87
CA LEU A 74 -13.41 13.93 -12.14
C LEU A 74 -14.64 14.79 -11.88
N ASN A 75 -15.66 14.68 -12.73
CA ASN A 75 -16.88 15.44 -12.51
C ASN A 75 -17.70 14.73 -11.43
N ASP A 76 -18.86 15.27 -11.12
CA ASP A 76 -19.74 14.70 -10.11
C ASP A 76 -20.20 13.29 -10.45
N GLU A 77 -20.57 13.09 -11.71
CA GLU A 77 -21.01 11.76 -12.14
C GLU A 77 -19.91 10.73 -11.95
N GLU A 78 -18.72 11.05 -12.42
CA GLU A 78 -17.57 10.14 -12.32
C GLU A 78 -17.16 9.94 -10.87
N LEU A 79 -17.35 10.98 -10.07
CA LEU A 79 -17.01 10.87 -8.65
C LEU A 79 -17.99 9.91 -7.98
N GLU A 80 -19.21 9.86 -8.48
CA GLU A 80 -20.20 8.96 -7.93
C GLU A 80 -19.95 7.54 -8.41
N GLU A 81 -19.56 7.42 -9.68
CA GLU A 81 -19.26 6.12 -10.27
C GLU A 81 -18.08 5.50 -9.54
N LYS A 82 -17.05 6.30 -9.31
CA LYS A 82 -15.86 5.82 -8.62
C LYS A 82 -16.18 5.29 -7.23
N GLU A 83 -16.97 6.04 -6.47
CA GLU A 83 -17.34 5.63 -5.12
C GLU A 83 -18.04 4.29 -5.13
N LYS A 84 -18.85 4.04 -6.16
CA LYS A 84 -19.56 2.77 -6.24
C LYS A 84 -18.62 1.64 -6.62
N LEU A 85 -17.80 1.87 -7.64
CA LEU A 85 -16.85 0.86 -8.12
C LEU A 85 -15.90 0.44 -7.00
N LEU A 86 -15.61 1.36 -6.09
CA LEU A 86 -14.71 1.07 -4.98
C LEU A 86 -15.29 0.05 -3.99
N THR A 87 -16.56 -0.30 -4.18
CA THR A 87 -17.23 -1.28 -3.32
C THR A 87 -17.49 -2.57 -4.09
N GLN A 88 -17.19 -2.55 -5.39
CA GLN A 88 -17.42 -3.72 -6.23
C GLN A 88 -16.24 -4.66 -6.41
N GLY A 89 -15.29 -4.62 -5.48
CA GLY A 89 -14.14 -5.49 -5.54
C GLY A 89 -14.04 -6.21 -4.21
N PHE A 90 -13.11 -7.14 -4.08
CA PHE A 90 -12.96 -7.84 -2.82
C PHE A 90 -12.11 -6.98 -1.89
N THR A 91 -12.72 -5.89 -1.44
CA THR A 91 -12.11 -4.91 -0.55
C THR A 91 -11.60 -5.52 0.74
N ASN A 92 -12.28 -6.55 1.23
CA ASN A 92 -11.87 -7.18 2.48
C ASN A 92 -10.87 -8.31 2.32
N TRP A 93 -10.34 -8.47 1.11
CA TRP A 93 -9.34 -9.49 0.90
C TRP A 93 -7.99 -8.78 0.89
N ASN A 94 -7.08 -9.19 1.77
CA ASN A 94 -5.76 -8.57 1.78
C ASN A 94 -4.67 -9.50 1.19
N LYS A 95 -3.44 -9.00 1.10
CA LYS A 95 -2.36 -9.81 0.53
C LYS A 95 -2.14 -11.15 1.25
N ARG A 96 -2.29 -11.17 2.56
CA ARG A 96 -2.10 -12.45 3.27
C ARG A 96 -3.21 -13.44 2.93
N ASP A 97 -4.44 -12.94 2.81
CA ASP A 97 -5.59 -13.78 2.46
C ASP A 97 -5.29 -14.45 1.12
N PHE A 98 -4.90 -13.62 0.16
CA PHE A 98 -4.58 -14.09 -1.17
C PHE A 98 -3.44 -15.11 -1.17
N ASN A 99 -2.35 -14.81 -0.46
CA ASN A 99 -1.25 -15.74 -0.45
C ASN A 99 -1.67 -17.07 0.16
N GLN A 100 -2.42 -17.04 1.26
CA GLN A 100 -2.88 -18.27 1.88
C GLN A 100 -3.83 -19.04 0.95
N PHE A 101 -4.67 -18.32 0.23
CA PHE A 101 -5.60 -18.95 -0.72
C PHE A 101 -4.78 -19.72 -1.78
N ILE A 102 -3.81 -19.04 -2.39
CA ILE A 102 -2.97 -19.65 -3.43
C ILE A 102 -2.25 -20.89 -2.94
N LYS A 103 -1.61 -20.80 -1.79
CA LYS A 103 -0.90 -21.94 -1.23
C LYS A 103 -1.87 -23.07 -0.85
N ALA A 104 -3.07 -22.73 -0.39
CA ALA A 104 -4.04 -23.76 0.00
C ALA A 104 -4.55 -24.52 -1.22
N ASN A 105 -4.68 -23.83 -2.34
CA ASN A 105 -5.14 -24.48 -3.57
C ASN A 105 -4.08 -25.49 -4.01
N GLU A 106 -2.82 -25.12 -3.88
CA GLU A 106 -1.71 -25.99 -4.25
C GLU A 106 -1.65 -27.17 -3.28
N LYS A 107 -1.90 -26.88 -2.00
CA LYS A 107 -1.85 -27.90 -0.95
C LYS A 107 -3.02 -28.88 -0.93
N TRP A 108 -4.23 -28.41 -1.25
CA TRP A 108 -5.38 -29.30 -1.20
C TRP A 108 -6.21 -29.45 -2.47
N GLY A 109 -5.88 -28.71 -3.51
CA GLY A 109 -6.67 -28.80 -4.73
C GLY A 109 -7.68 -27.68 -4.70
N ARG A 110 -8.12 -27.22 -5.86
CA ARG A 110 -9.06 -26.10 -5.90
C ARG A 110 -10.49 -26.39 -5.45
N ASP A 111 -10.88 -27.65 -5.43
CA ASP A 111 -12.26 -28.01 -5.05
C ASP A 111 -12.47 -28.26 -3.57
N ASP A 112 -11.38 -28.45 -2.83
CA ASP A 112 -11.48 -28.71 -1.40
C ASP A 112 -11.69 -27.41 -0.61
N ILE A 113 -12.86 -26.82 -0.77
CA ILE A 113 -13.23 -25.57 -0.11
C ILE A 113 -13.06 -25.63 1.41
N GLU A 114 -13.37 -26.78 1.99
CA GLU A 114 -13.27 -26.95 3.44
C GLU A 114 -11.85 -26.68 3.96
N ASN A 115 -10.86 -27.27 3.29
CA ASN A 115 -9.46 -27.11 3.68
C ASN A 115 -8.88 -25.76 3.25
N ILE A 116 -9.32 -25.24 2.11
CA ILE A 116 -8.83 -23.93 1.64
C ILE A 116 -9.27 -22.86 2.64
N ALA A 117 -10.52 -22.96 3.09
CA ALA A 117 -11.06 -22.00 4.05
C ALA A 117 -10.34 -22.09 5.38
N ARG A 118 -10.05 -23.31 5.82
CA ARG A 118 -9.37 -23.48 7.10
C ARG A 118 -8.00 -22.81 7.07
N GLU A 119 -7.28 -22.92 5.94
CA GLU A 119 -5.97 -22.31 5.84
C GLU A 119 -5.96 -20.80 5.57
N VAL A 120 -7.09 -20.23 5.16
CA VAL A 120 -7.15 -18.79 4.95
C VAL A 120 -7.75 -18.23 6.24
N GLU A 121 -6.87 -17.98 7.19
CA GLU A 121 -7.23 -17.47 8.50
C GLU A 121 -8.34 -16.44 8.58
N GLY A 122 -8.35 -15.45 7.70
CA GLY A 122 -9.38 -14.45 7.81
C GLY A 122 -10.62 -14.58 6.96
N LYS A 123 -10.88 -15.78 6.43
CA LYS A 123 -12.06 -15.97 5.57
C LYS A 123 -12.81 -17.26 5.86
N THR A 124 -14.14 -17.17 5.82
CA THR A 124 -15.02 -18.31 6.07
C THR A 124 -15.15 -19.11 4.78
N PRO A 125 -15.76 -20.32 4.85
CA PRO A 125 -15.91 -21.10 3.63
C PRO A 125 -16.77 -20.39 2.58
N GLU A 126 -17.79 -19.67 3.06
CA GLU A 126 -18.70 -18.95 2.19
C GLU A 126 -17.95 -17.86 1.43
N GLU A 127 -17.09 -17.12 2.13
CA GLU A 127 -16.33 -16.05 1.50
C GLU A 127 -15.35 -16.64 0.50
N VAL A 128 -14.80 -17.81 0.81
CA VAL A 128 -13.84 -18.46 -0.08
C VAL A 128 -14.46 -18.91 -1.41
N ILE A 129 -15.70 -19.42 -1.35
CA ILE A 129 -16.41 -19.86 -2.55
C ILE A 129 -16.66 -18.66 -3.45
N GLU A 130 -17.12 -17.57 -2.85
CA GLU A 130 -17.40 -16.36 -3.61
C GLU A 130 -16.14 -15.84 -4.29
N TYR A 131 -15.03 -15.83 -3.56
CA TYR A 131 -13.77 -15.35 -4.14
C TYR A 131 -13.28 -16.30 -5.21
N SER A 132 -13.28 -17.58 -4.87
CA SER A 132 -12.83 -18.62 -5.77
C SER A 132 -13.59 -18.55 -7.10
N ALA A 133 -14.90 -18.31 -7.05
CA ALA A 133 -15.69 -18.25 -8.27
C ALA A 133 -15.23 -17.13 -9.19
N VAL A 134 -14.77 -16.02 -8.64
CA VAL A 134 -14.32 -14.93 -9.49
C VAL A 134 -12.89 -15.20 -9.93
N PHE A 135 -12.06 -15.66 -9.00
CA PHE A 135 -10.66 -15.96 -9.24
C PHE A 135 -10.47 -16.87 -10.46
N TRP A 136 -11.26 -17.94 -10.54
CA TRP A 136 -11.14 -18.87 -11.64
C TRP A 136 -11.78 -18.32 -12.92
N GLU A 137 -12.54 -17.23 -12.79
CA GLU A 137 -13.17 -16.61 -13.95
C GLU A 137 -12.16 -15.64 -14.60
N ARG A 138 -11.41 -14.87 -13.77
CA ARG A 138 -10.45 -13.94 -14.41
C ARG A 138 -9.10 -13.81 -13.74
N CYS A 139 -8.57 -14.91 -13.23
CA CYS A 139 -7.23 -14.88 -12.63
C CYS A 139 -6.22 -14.58 -13.74
N ASN A 140 -6.68 -14.52 -14.98
CA ASN A 140 -5.81 -14.24 -16.12
C ASN A 140 -5.31 -12.80 -16.11
N GLU A 141 -5.94 -11.97 -15.29
CA GLU A 141 -5.58 -10.58 -15.17
C GLU A 141 -4.41 -10.38 -14.20
N LEU A 142 -4.14 -11.38 -13.37
CA LEU A 142 -3.07 -11.26 -12.38
C LEU A 142 -1.66 -11.35 -12.98
N GLN A 143 -0.76 -10.50 -12.49
CA GLN A 143 0.64 -10.39 -12.92
C GLN A 143 1.40 -11.68 -13.22
N ASP A 144 1.68 -12.49 -12.19
CA ASP A 144 2.48 -13.71 -12.36
C ASP A 144 1.65 -14.99 -12.38
N ILE A 145 0.49 -14.94 -13.01
CA ILE A 145 -0.46 -16.08 -13.07
C ILE A 145 0.04 -17.36 -13.69
N GLU A 146 0.69 -17.29 -14.86
CA GLU A 146 1.20 -18.50 -15.47
C GLU A 146 2.00 -19.32 -14.44
N LYS A 147 2.97 -18.67 -13.83
CA LYS A 147 3.82 -19.29 -12.82
C LYS A 147 2.93 -19.79 -11.68
N THR A 148 2.07 -18.91 -11.18
CA THR A 148 1.17 -19.25 -10.09
C THR A 148 0.31 -20.46 -10.40
N MET A 149 -0.28 -20.48 -11.59
CA MET A 149 -1.14 -21.58 -12.00
C MET A 149 -0.39 -22.89 -12.22
N ALA A 150 0.84 -22.79 -12.73
CA ALA A 150 1.66 -23.98 -12.97
C ALA A 150 1.93 -24.66 -11.64
N GLN A 151 2.25 -23.87 -10.63
CA GLN A 151 2.53 -24.39 -9.29
C GLN A 151 1.29 -25.08 -8.72
N ILE A 152 0.12 -24.47 -8.91
CA ILE A 152 -1.14 -25.04 -8.44
C ILE A 152 -1.47 -26.33 -9.18
N GLU A 153 -1.28 -26.33 -10.50
CA GLU A 153 -1.55 -27.50 -11.33
C GLU A 153 -0.59 -28.62 -10.93
N ARG A 154 0.52 -28.22 -10.31
CA ARG A 154 1.55 -29.14 -9.85
C ARG A 154 1.18 -29.75 -8.50
N GLY A 155 0.58 -28.92 -7.65
CA GLY A 155 0.16 -29.39 -6.35
C GLY A 155 -0.97 -30.39 -6.55
N GLU A 156 -1.87 -30.05 -7.46
CA GLU A 156 -3.01 -30.91 -7.76
C GLU A 156 -2.52 -32.17 -8.46
N ALA A 157 -1.30 -32.11 -8.96
CA ALA A 157 -0.70 -33.25 -9.63
C ALA A 157 -0.10 -34.22 -8.63
N ARG A 158 0.61 -33.67 -7.64
CA ARG A 158 1.21 -34.51 -6.62
C ARG A 158 0.12 -35.21 -5.83
N ILE A 159 -1.01 -34.52 -5.69
CA ILE A 159 -2.16 -35.07 -4.97
C ILE A 159 -2.72 -36.27 -5.72
N GLN A 160 -2.81 -36.15 -7.04
CA GLN A 160 -3.33 -37.24 -7.84
C GLN A 160 -4.63 -37.81 -7.30
N GLU B 4 -9.65 20.75 -4.06
CA GLU B 4 -8.29 20.49 -4.46
C GLU B 4 -7.29 21.14 -3.51
N PRO B 5 -6.22 20.42 -3.11
CA PRO B 5 -5.20 20.93 -2.19
C PRO B 5 -4.56 22.23 -2.70
N LYS B 6 -4.31 23.19 -1.80
CA LYS B 6 -3.67 24.42 -2.22
C LYS B 6 -2.29 23.98 -2.70
N VAL B 7 -1.79 22.91 -2.08
CA VAL B 7 -0.51 22.35 -2.44
C VAL B 7 -0.68 20.85 -2.45
N PRO B 8 -0.64 20.22 -3.63
CA PRO B 8 -0.81 18.76 -3.69
C PRO B 8 0.28 18.06 -2.90
N LYS B 9 -0.01 16.87 -2.41
CA LYS B 9 1.02 16.13 -1.68
C LYS B 9 2.13 15.78 -2.66
N ALA B 10 3.39 16.00 -2.26
CA ALA B 10 4.54 15.71 -3.11
C ALA B 10 4.58 14.22 -3.46
N PRO B 11 5.09 13.86 -4.65
CA PRO B 11 5.18 12.47 -5.12
C PRO B 11 6.20 11.56 -4.43
N ARG B 12 5.91 10.28 -4.41
CA ARG B 12 6.78 9.26 -3.81
C ARG B 12 7.09 8.17 -4.84
N PRO B 13 8.24 7.48 -4.69
CA PRO B 13 8.63 6.41 -5.61
C PRO B 13 7.48 5.41 -5.66
N PRO B 14 6.94 5.15 -6.85
CA PRO B 14 5.82 4.21 -7.00
C PRO B 14 6.05 2.82 -6.42
N LYS B 15 7.29 2.33 -6.52
CA LYS B 15 7.58 1.01 -6.00
C LYS B 15 8.32 0.99 -4.69
N GLN B 16 8.01 1.94 -3.81
CA GLN B 16 8.66 1.98 -2.51
C GLN B 16 7.89 1.04 -1.59
N PRO B 17 8.56 0.46 -0.58
CA PRO B 17 7.88 -0.46 0.34
C PRO B 17 6.78 0.24 1.14
N ASN B 18 5.70 -0.48 1.43
CA ASN B 18 4.62 0.09 2.20
C ASN B 18 4.73 -0.16 3.68
N VAL B 19 5.80 0.31 4.30
CA VAL B 19 6.03 0.15 5.74
C VAL B 19 4.99 0.95 6.51
N GLN B 20 4.49 0.41 7.61
CA GLN B 20 3.47 1.08 8.40
C GLN B 20 3.95 1.49 9.78
N ASP B 21 3.35 2.56 10.32
CA ASP B 21 3.70 3.05 11.66
C ASP B 21 3.55 1.99 12.75
N PHE B 22 2.45 1.23 12.71
CA PHE B 22 2.22 0.21 13.72
C PHE B 22 3.14 -0.99 13.61
N GLN B 23 4.01 -1.01 12.59
CA GLN B 23 4.94 -2.13 12.45
C GLN B 23 6.22 -1.84 13.24
N PHE B 24 6.29 -0.62 13.74
CA PHE B 24 7.40 -0.16 14.58
C PHE B 24 8.82 -0.39 14.09
N PHE B 25 9.09 -0.01 12.85
CA PHE B 25 10.44 -0.15 12.34
C PHE B 25 11.29 0.95 12.98
N PRO B 26 12.63 0.82 12.92
CA PRO B 26 13.40 1.89 13.53
C PRO B 26 13.37 3.18 12.70
N PRO B 27 13.47 4.35 13.36
CA PRO B 27 13.46 5.67 12.71
C PRO B 27 14.51 5.81 11.61
N ARG B 28 15.63 5.10 11.74
CA ARG B 28 16.70 5.17 10.75
C ARG B 28 16.19 4.70 9.40
N LEU B 29 15.28 3.73 9.42
CA LEU B 29 14.72 3.23 8.17
C LEU B 29 14.05 4.37 7.40
N PHE B 30 13.25 5.18 8.09
CA PHE B 30 12.57 6.27 7.41
C PHE B 30 13.51 7.36 6.92
N GLU B 31 14.70 7.49 7.54
CA GLU B 31 15.64 8.49 7.07
C GLU B 31 16.12 8.04 5.70
N LEU B 32 16.35 6.74 5.59
CA LEU B 32 16.81 6.16 4.34
C LEU B 32 15.70 6.22 3.30
N LEU B 33 14.46 5.98 3.73
CA LEU B 33 13.34 6.04 2.79
C LEU B 33 13.17 7.47 2.31
N GLU B 34 13.36 8.44 3.20
CA GLU B 34 13.22 9.84 2.81
C GLU B 34 14.31 10.22 1.79
N LYS B 35 15.51 9.63 1.93
CA LYS B 35 16.58 9.90 0.97
C LYS B 35 16.13 9.43 -0.42
N GLU B 36 15.51 8.25 -0.45
CA GLU B 36 15.01 7.67 -1.70
C GLU B 36 13.88 8.49 -2.32
N ILE B 37 13.02 9.03 -1.47
CA ILE B 37 11.93 9.84 -1.92
C ILE B 37 12.47 11.13 -2.54
N LEU B 38 13.44 11.74 -1.86
CA LEU B 38 14.03 12.98 -2.34
C LEU B 38 14.76 12.76 -3.67
N TYR B 39 15.45 11.63 -3.80
CA TYR B 39 16.15 11.35 -5.03
C TYR B 39 15.14 11.11 -6.15
N TYR B 40 14.05 10.42 -5.84
CA TYR B 40 13.02 10.17 -6.85
C TYR B 40 12.51 11.53 -7.36
N ARG B 41 12.17 12.43 -6.43
CA ARG B 41 11.70 13.76 -6.82
C ARG B 41 12.71 14.50 -7.69
N LYS B 42 13.99 14.28 -7.43
CA LYS B 42 15.04 14.93 -8.22
C LYS B 42 14.97 14.40 -9.65
N THR B 43 14.83 13.08 -9.78
CA THR B 43 14.79 12.46 -11.10
C THR B 43 13.60 12.80 -11.98
N ILE B 44 12.46 13.14 -11.38
CA ILE B 44 11.30 13.50 -12.18
C ILE B 44 11.14 15.02 -12.28
N GLY B 45 12.15 15.77 -11.84
CA GLY B 45 12.12 17.22 -11.92
C GLY B 45 11.07 17.90 -11.08
N TYR B 46 10.72 17.28 -9.95
CA TYR B 46 9.70 17.85 -9.09
C TYR B 46 10.16 19.14 -8.48
N LYS B 47 9.31 20.15 -8.54
CA LYS B 47 9.63 21.43 -7.97
C LYS B 47 8.62 21.78 -6.89
N VAL B 48 9.15 22.25 -5.76
CA VAL B 48 8.32 22.59 -4.62
C VAL B 48 7.63 23.92 -4.84
N PRO B 49 6.29 23.93 -4.73
CA PRO B 49 5.48 25.14 -4.91
C PRO B 49 5.66 26.00 -3.66
N ARG B 50 5.57 27.32 -3.81
CA ARG B 50 5.70 28.21 -2.66
C ARG B 50 4.39 28.26 -1.90
N ASN B 51 4.46 28.25 -0.58
CA ASN B 51 3.27 28.29 0.24
C ASN B 51 2.93 29.72 0.66
N PRO B 52 1.75 30.19 0.29
CA PRO B 52 1.31 31.55 0.60
C PRO B 52 1.59 31.96 2.06
N ASP B 53 1.03 31.20 3.00
CA ASP B 53 1.24 31.49 4.40
C ASP B 53 2.52 30.88 4.91
N LEU B 54 3.13 31.54 5.91
CA LEU B 54 4.37 31.04 6.47
C LEU B 54 5.42 32.12 6.48
N PRO B 55 5.03 33.31 6.03
CA PRO B 55 5.94 34.44 5.99
C PRO B 55 7.20 34.10 5.21
N ASN B 56 8.13 33.43 5.88
CA ASN B 56 9.37 33.04 5.23
C ASN B 56 9.12 31.95 4.20
N SER B 57 7.97 32.02 3.53
CA SER B 57 7.61 31.05 2.51
C SER B 57 8.76 30.92 1.53
N ALA B 58 9.26 32.06 1.06
CA ALA B 58 10.37 32.03 0.13
C ALA B 58 11.54 31.25 0.74
N GLN B 59 11.63 31.33 2.06
CA GLN B 59 12.70 30.63 2.76
C GLN B 59 12.40 29.15 2.90
N VAL B 60 11.14 28.82 3.17
CA VAL B 60 10.73 27.42 3.30
C VAL B 60 10.90 26.72 1.95
N GLN B 61 10.30 27.31 0.91
CA GLN B 61 10.40 26.74 -0.42
C GLN B 61 11.84 26.47 -0.81
N LYS B 62 12.72 27.47 -0.64
CA LYS B 62 14.12 27.29 -0.99
C LYS B 62 14.75 26.18 -0.17
N GLU B 63 14.40 26.11 1.11
CA GLU B 63 14.95 25.06 1.96
C GLU B 63 14.55 23.70 1.39
N GLU B 64 13.26 23.51 1.17
CA GLU B 64 12.80 22.23 0.64
C GLU B 64 13.38 21.88 -0.73
N GLN B 65 13.53 22.87 -1.62
CA GLN B 65 14.06 22.55 -2.94
C GLN B 65 15.51 22.12 -2.87
N LEU B 66 16.28 22.78 -2.01
CA LEU B 66 17.69 22.45 -1.85
C LEU B 66 17.84 20.97 -1.46
N LYS B 67 16.93 20.48 -0.62
CA LYS B 67 16.96 19.09 -0.18
C LYS B 67 16.79 18.14 -1.36
N ILE B 68 16.01 18.57 -2.35
CA ILE B 68 15.79 17.74 -3.53
C ILE B 68 17.03 17.89 -4.43
N ASP B 69 17.48 19.14 -4.58
CA ASP B 69 18.65 19.43 -5.42
C ASP B 69 19.90 18.66 -5.03
N GLU B 70 20.14 18.52 -3.73
CA GLU B 70 21.33 17.80 -3.27
C GLU B 70 21.10 16.31 -3.02
N ALA B 71 19.94 15.79 -3.41
CA ALA B 71 19.62 14.38 -3.20
C ALA B 71 20.48 13.46 -4.06
N GLU B 72 20.82 12.31 -3.50
CA GLU B 72 21.64 11.34 -4.20
C GLU B 72 21.12 9.94 -3.94
N PRO B 73 21.44 8.99 -4.84
CA PRO B 73 20.98 7.61 -4.67
C PRO B 73 21.56 7.03 -3.38
N LEU B 74 21.03 5.88 -2.97
CA LEU B 74 21.51 5.22 -1.77
C LEU B 74 22.73 4.38 -2.18
N ASN B 75 23.85 4.54 -1.48
CA ASN B 75 25.04 3.77 -1.83
C ASN B 75 24.94 2.35 -1.28
N ASP B 76 25.91 1.51 -1.63
CA ASP B 76 25.95 0.11 -1.21
C ASP B 76 25.90 -0.08 0.31
N GLU B 77 26.53 0.83 1.03
CA GLU B 77 26.56 0.78 2.48
C GLU B 77 25.14 0.99 2.99
N GLU B 78 24.55 2.12 2.58
CA GLU B 78 23.19 2.47 2.96
C GLU B 78 22.19 1.41 2.49
N LEU B 79 22.39 0.89 1.28
CA LEU B 79 21.50 -0.15 0.75
C LEU B 79 21.59 -1.38 1.62
N GLU B 80 22.80 -1.63 2.14
CA GLU B 80 23.05 -2.77 3.00
C GLU B 80 22.28 -2.56 4.29
N GLU B 81 22.40 -1.34 4.82
CA GLU B 81 21.75 -0.94 6.05
C GLU B 81 20.23 -1.02 5.98
N LYS B 82 19.65 -0.62 4.85
CA LYS B 82 18.20 -0.63 4.73
C LYS B 82 17.68 -2.06 4.76
N GLU B 83 18.34 -2.94 4.02
CA GLU B 83 17.94 -4.34 3.97
C GLU B 83 17.79 -4.94 5.35
N LYS B 84 18.72 -4.64 6.24
CA LYS B 84 18.68 -5.18 7.59
C LYS B 84 17.53 -4.53 8.37
N LEU B 85 17.42 -3.21 8.26
CA LEU B 85 16.37 -2.45 8.95
C LEU B 85 14.96 -2.94 8.64
N LEU B 86 14.76 -3.43 7.42
CA LEU B 86 13.45 -3.94 7.02
C LEU B 86 13.09 -5.26 7.67
N THR B 87 14.02 -5.83 8.42
CA THR B 87 13.76 -7.08 9.13
C THR B 87 13.56 -6.77 10.60
N GLN B 88 13.89 -5.54 10.98
CA GLN B 88 13.79 -5.11 12.36
C GLN B 88 12.44 -4.47 12.74
N GLY B 89 11.38 -4.85 12.04
CA GLY B 89 10.05 -4.33 12.35
C GLY B 89 9.08 -5.51 12.35
N PHE B 90 7.81 -5.26 12.67
CA PHE B 90 6.85 -6.37 12.68
C PHE B 90 6.27 -6.50 11.27
N THR B 91 7.12 -6.95 10.36
CA THR B 91 6.75 -7.12 8.96
C THR B 91 5.54 -8.02 8.75
N ASN B 92 5.35 -8.97 9.65
CA ASN B 92 4.24 -9.91 9.57
C ASN B 92 2.95 -9.40 10.19
N TRP B 93 2.90 -8.11 10.53
CA TRP B 93 1.68 -7.55 11.08
C TRP B 93 1.07 -6.61 10.06
N ASN B 94 -0.14 -6.94 9.59
CA ASN B 94 -0.76 -6.07 8.62
C ASN B 94 -1.85 -5.22 9.29
N LYS B 95 -2.53 -4.40 8.49
CA LYS B 95 -3.58 -3.52 8.99
C LYS B 95 -4.70 -4.24 9.72
N ARG B 96 -5.12 -5.39 9.22
CA ARG B 96 -6.19 -6.15 9.88
C ARG B 96 -5.74 -6.68 11.25
N ASP B 97 -4.54 -7.24 11.33
CA ASP B 97 -4.00 -7.73 12.60
C ASP B 97 -4.04 -6.58 13.61
N PHE B 98 -3.54 -5.42 13.17
CA PHE B 98 -3.51 -4.26 14.06
C PHE B 98 -4.89 -3.87 14.55
N ASN B 99 -5.85 -3.75 13.64
CA ASN B 99 -7.21 -3.36 14.02
C ASN B 99 -7.85 -4.36 14.97
N GLN B 100 -7.57 -5.64 14.75
CA GLN B 100 -8.13 -6.67 15.61
C GLN B 100 -7.46 -6.58 16.99
N PHE B 101 -6.16 -6.30 16.99
CA PHE B 101 -5.42 -6.16 18.24
C PHE B 101 -6.06 -5.02 19.05
N ILE B 102 -6.27 -3.87 18.40
CA ILE B 102 -6.87 -2.72 19.07
C ILE B 102 -8.29 -3.02 19.63
N LYS B 103 -9.16 -3.60 18.81
CA LYS B 103 -10.51 -3.92 19.29
C LYS B 103 -10.52 -4.93 20.44
N ALA B 104 -9.58 -5.87 20.43
CA ALA B 104 -9.51 -6.89 21.47
C ALA B 104 -9.06 -6.25 22.79
N ASN B 105 -8.16 -5.27 22.70
CA ASN B 105 -7.67 -4.56 23.87
C ASN B 105 -8.83 -3.75 24.47
N GLU B 106 -9.61 -3.09 23.63
CA GLU B 106 -10.74 -2.31 24.11
C GLU B 106 -11.74 -3.25 24.79
N LYS B 107 -11.91 -4.43 24.21
CA LYS B 107 -12.86 -5.40 24.73
C LYS B 107 -12.44 -6.13 26.00
N TRP B 108 -11.20 -6.60 26.05
CA TRP B 108 -10.72 -7.34 27.22
C TRP B 108 -9.75 -6.61 28.15
N GLY B 109 -9.15 -5.53 27.68
CA GLY B 109 -8.18 -4.82 28.50
C GLY B 109 -6.80 -5.28 28.08
N ARG B 110 -5.85 -4.35 28.05
CA ARG B 110 -4.48 -4.64 27.62
C ARG B 110 -3.80 -5.80 28.34
N ASP B 111 -4.37 -6.22 29.47
CA ASP B 111 -3.79 -7.32 30.24
C ASP B 111 -4.15 -8.72 29.74
N ASP B 112 -5.37 -8.87 29.26
CA ASP B 112 -5.89 -10.17 28.80
C ASP B 112 -5.27 -10.73 27.51
N ILE B 113 -3.98 -11.04 27.55
CA ILE B 113 -3.26 -11.56 26.39
C ILE B 113 -3.88 -12.82 25.79
N GLU B 114 -4.40 -13.70 26.64
CA GLU B 114 -5.02 -14.93 26.15
C GLU B 114 -6.20 -14.60 25.21
N ASN B 115 -7.11 -13.74 25.65
CA ASN B 115 -8.27 -13.38 24.85
C ASN B 115 -7.90 -12.47 23.67
N ILE B 116 -6.84 -11.70 23.81
CA ILE B 116 -6.44 -10.81 22.72
C ILE B 116 -5.92 -11.67 21.56
N ALA B 117 -5.05 -12.63 21.87
CA ALA B 117 -4.51 -13.52 20.86
C ALA B 117 -5.62 -14.32 20.18
N ARG B 118 -6.57 -14.78 20.99
CA ARG B 118 -7.69 -15.54 20.45
C ARG B 118 -8.44 -14.74 19.42
N GLU B 119 -8.48 -13.42 19.59
CA GLU B 119 -9.23 -12.61 18.67
C GLU B 119 -8.43 -11.95 17.57
N VAL B 120 -7.13 -12.17 17.56
CA VAL B 120 -6.31 -11.68 16.48
C VAL B 120 -6.05 -12.90 15.61
N GLU B 121 -6.89 -13.07 14.58
CA GLU B 121 -6.83 -14.24 13.70
C GLU B 121 -5.46 -14.65 13.16
N GLY B 122 -4.67 -13.71 12.68
CA GLY B 122 -3.39 -14.09 12.13
C GLY B 122 -2.23 -14.14 13.10
N LYS B 123 -2.47 -14.28 14.41
CA LYS B 123 -1.36 -14.28 15.35
C LYS B 123 -1.47 -15.21 16.55
N THR B 124 -0.33 -15.75 16.96
CA THR B 124 -0.24 -16.66 18.10
C THR B 124 0.00 -15.88 19.39
N PRO B 125 -0.27 -16.50 20.56
CA PRO B 125 -0.07 -15.83 21.85
C PRO B 125 1.36 -15.30 21.93
N GLU B 126 2.31 -16.09 21.44
CA GLU B 126 3.70 -15.67 21.44
C GLU B 126 3.85 -14.39 20.63
N GLU B 127 3.30 -14.38 19.43
CA GLU B 127 3.40 -13.20 18.57
C GLU B 127 2.75 -11.98 19.22
N VAL B 128 1.63 -12.21 19.89
CA VAL B 128 0.90 -11.13 20.57
C VAL B 128 1.64 -10.57 21.78
N ILE B 129 2.23 -11.43 22.59
CA ILE B 129 2.97 -10.96 23.77
C ILE B 129 4.14 -10.08 23.28
N GLU B 130 4.80 -10.52 22.23
CA GLU B 130 5.93 -9.79 21.68
C GLU B 130 5.50 -8.45 21.12
N TYR B 131 4.41 -8.43 20.34
CA TYR B 131 3.95 -7.17 19.77
C TYR B 131 3.46 -6.20 20.85
N SER B 132 2.71 -6.72 21.80
CA SER B 132 2.16 -5.89 22.88
C SER B 132 3.27 -5.16 23.66
N ALA B 133 4.35 -5.86 23.98
CA ALA B 133 5.46 -5.27 24.72
C ALA B 133 5.99 -4.04 23.99
N VAL B 134 6.07 -4.12 22.66
CA VAL B 134 6.57 -2.99 21.90
C VAL B 134 5.51 -1.92 21.74
N PHE B 135 4.26 -2.35 21.52
CA PHE B 135 3.16 -1.41 21.33
C PHE B 135 2.98 -0.45 22.52
N TRP B 136 3.03 -0.99 23.73
CA TRP B 136 2.83 -0.16 24.89
C TRP B 136 4.06 0.67 25.21
N GLU B 137 5.16 0.34 24.56
CA GLU B 137 6.41 1.05 24.76
C GLU B 137 6.55 2.25 23.82
N ARG B 138 6.04 2.15 22.60
CA ARG B 138 6.15 3.27 21.68
C ARG B 138 4.90 3.66 20.88
N CYS B 139 3.72 3.36 21.42
CA CYS B 139 2.48 3.69 20.74
C CYS B 139 2.30 5.19 20.57
N ASN B 140 3.17 5.98 21.20
CA ASN B 140 3.10 7.43 21.09
C ASN B 140 3.55 7.83 19.69
N GLU B 141 4.34 6.96 19.07
CA GLU B 141 4.86 7.19 17.74
C GLU B 141 3.74 7.11 16.71
N LEU B 142 2.68 6.38 17.03
CA LEU B 142 1.58 6.21 16.11
C LEU B 142 0.83 7.51 15.87
N GLN B 143 0.00 7.52 14.84
CA GLN B 143 -0.81 8.69 14.50
C GLN B 143 -2.26 8.34 14.81
N ASP B 144 -2.96 9.27 15.46
CA ASP B 144 -4.36 9.08 15.84
C ASP B 144 -4.44 8.21 17.10
N ILE B 145 -3.31 8.05 17.77
CA ILE B 145 -3.25 7.26 19.00
C ILE B 145 -3.98 7.95 20.15
N GLU B 146 -3.83 9.26 20.26
CA GLU B 146 -4.50 10.00 21.32
C GLU B 146 -5.97 9.62 21.33
N LYS B 147 -6.51 9.38 20.13
CA LYS B 147 -7.91 9.01 19.98
C LYS B 147 -8.08 7.51 20.19
N THR B 148 -7.08 6.75 19.76
CA THR B 148 -7.10 5.29 19.89
C THR B 148 -6.90 4.87 21.35
N MET B 149 -6.08 5.63 22.07
CA MET B 149 -5.80 5.34 23.48
C MET B 149 -7.01 5.66 24.35
N ALA B 150 -7.76 6.68 23.98
CA ALA B 150 -8.95 7.07 24.74
C ALA B 150 -10.09 6.11 24.43
N GLN B 151 -10.09 5.61 23.20
CA GLN B 151 -11.12 4.67 22.78
C GLN B 151 -11.02 3.37 23.55
N ILE B 152 -9.81 2.86 23.70
CA ILE B 152 -9.56 1.62 24.43
C ILE B 152 -9.76 1.85 25.92
N GLU B 153 -9.35 3.03 26.39
CA GLU B 153 -9.48 3.40 27.80
C GLU B 153 -10.95 3.51 28.20
N ARG B 154 -11.81 3.85 27.24
CA ARG B 154 -13.25 3.98 27.50
C ARG B 154 -13.87 2.59 27.65
N GLY B 155 -13.41 1.64 26.84
CA GLY B 155 -13.93 0.29 26.90
C GLY B 155 -13.33 -0.50 28.05
N GLU B 156 -12.04 -0.34 28.27
CA GLU B 156 -11.34 -1.04 29.34
C GLU B 156 -11.86 -0.56 30.68
N ALA B 157 -12.18 0.73 30.76
CA ALA B 157 -12.71 1.29 31.99
C ALA B 157 -14.20 1.07 32.10
N ARG B 158 -14.86 0.87 30.96
CA ARG B 158 -16.29 0.64 30.95
C ARG B 158 -16.65 -0.76 31.41
N ILE B 159 -15.70 -1.67 31.34
CA ILE B 159 -15.92 -3.06 31.77
C ILE B 159 -16.38 -3.11 33.22
#